data_7QZI
#
_entry.id   7QZI
#
_cell.length_a   94.196
_cell.length_b   94.196
_cell.length_c   33.206
_cell.angle_alpha   90.000
_cell.angle_beta   90.000
_cell.angle_gamma   120.000
#
_symmetry.space_group_name_H-M   'P 31 2 1'
#
loop_
_entity.id
_entity.type
_entity.pdbx_description
1 polymer 'Bromodomain adjacent to zinc finger domain protein 2A'
2 non-polymer (2~{R})-~{N}-(2,2-dimethylpropyl)-1-[4-(4-ethanoyl-3-ethyl-5-methyl-1~{H}-pyrrol-2-yl)-1,3-thiazol-2-yl]piperazine-2-carboxamide
3 non-polymer 1,2-ETHANEDIOL
4 non-polymer 'MAGNESIUM ION'
5 water water
#
_entity_poly.entity_id   1
_entity_poly.type   'polypeptide(L)'
_entity_poly.pdbx_seq_one_letter_code
;SMHSDLTFCEIILMEMESHDAAWPFLEPVNPRLVSGYRRIIKNPMDFSTMRHRLSRGGYTSSEEFAADALLVFDNCQTFN
EDDSEVGKAGHIMRRFFESRWEEFY
;
_entity_poly.pdbx_strand_id   A
#
# COMPACT_ATOMS: atom_id res chain seq x y z
N SER A 4 11.27 -17.45 3.76
CA SER A 4 11.02 -17.61 2.33
C SER A 4 9.75 -16.86 1.94
N ASP A 5 8.68 -17.05 2.72
CA ASP A 5 7.49 -16.23 2.55
C ASP A 5 7.86 -14.75 2.61
N LEU A 6 8.76 -14.40 3.53
CA LEU A 6 9.15 -13.00 3.71
C LEU A 6 10.09 -12.52 2.61
N THR A 7 10.83 -13.42 1.96
CA THR A 7 11.65 -13.04 0.82
C THR A 7 10.80 -12.41 -0.28
N PHE A 8 9.69 -13.07 -0.64
CA PHE A 8 8.82 -12.52 -1.68
C PHE A 8 8.30 -11.15 -1.28
N CYS A 9 7.98 -10.94 -0.01
CA CYS A 9 7.46 -9.65 0.41
C CYS A 9 8.51 -8.56 0.29
N GLU A 10 9.78 -8.88 0.58
CA GLU A 10 10.84 -7.89 0.37
C GLU A 10 10.95 -7.49 -1.09
N ILE A 11 10.86 -8.47 -2.00
CA ILE A 11 10.92 -8.17 -3.43
C ILE A 11 9.75 -7.30 -3.84
N ILE A 12 8.53 -7.71 -3.47
CA ILE A 12 7.33 -6.96 -3.86
C ILE A 12 7.37 -5.54 -3.28
N LEU A 13 7.73 -5.42 -2.00
CA LEU A 13 7.72 -4.10 -1.39
C LEU A 13 8.78 -3.20 -2.02
N MET A 14 9.95 -3.77 -2.31
CA MET A 14 10.99 -2.99 -2.99
C MET A 14 10.51 -2.50 -4.34
N GLU A 15 9.81 -3.36 -5.09
CA GLU A 15 9.33 -2.96 -6.41
C GLU A 15 8.22 -1.93 -6.29
N MET A 16 7.35 -2.05 -5.30
CA MET A 16 6.30 -1.04 -5.14
C MET A 16 6.89 0.30 -4.73
N GLU A 17 7.83 0.29 -3.78
CA GLU A 17 8.48 1.52 -3.33
C GLU A 17 9.11 2.30 -4.48
N SER A 18 9.68 1.62 -5.47
CA SER A 18 10.37 2.32 -6.56
C SER A 18 9.50 2.52 -7.79
N HIS A 19 8.21 2.18 -7.73
CA HIS A 19 7.33 2.31 -8.88
C HIS A 19 6.98 3.78 -9.14
N ASP A 20 6.89 4.17 -10.43
CA ASP A 20 6.51 5.53 -10.77
C ASP A 20 5.19 5.95 -10.12
N ALA A 21 4.24 5.03 -10.01
CA ALA A 21 2.92 5.33 -9.46
C ALA A 21 2.85 5.24 -7.92
N ALA A 22 3.98 5.05 -7.24
CA ALA A 22 3.96 4.88 -5.79
C ALA A 22 3.87 6.19 -5.03
N TRP A 23 4.01 7.33 -5.71
CA TRP A 23 4.17 8.59 -5.01
C TRP A 23 3.06 8.91 -4.01
N PRO A 24 1.78 8.51 -4.17
CA PRO A 24 0.81 8.83 -3.10
C PRO A 24 0.97 8.00 -1.85
N PHE A 25 1.73 6.90 -1.92
CA PHE A 25 1.66 5.86 -0.90
C PHE A 25 2.97 5.68 -0.15
N LEU A 26 3.96 6.54 -0.39
CA LEU A 26 5.28 6.34 0.20
C LEU A 26 5.30 6.71 1.68
N GLU A 27 4.46 7.64 2.11
CA GLU A 27 4.43 8.14 3.48
C GLU A 27 2.99 8.20 3.98
N PRO A 28 2.76 8.13 5.29
CA PRO A 28 1.39 8.24 5.80
C PRO A 28 0.74 9.55 5.37
N VAL A 29 -0.55 9.47 5.05
CA VAL A 29 -1.32 10.68 4.78
C VAL A 29 -1.35 11.55 6.03
N ASN A 30 -1.09 12.85 5.88
CA ASN A 30 -1.15 13.77 7.00
C ASN A 30 -2.57 14.30 7.11
N PRO A 31 -3.35 13.89 8.12
CA PRO A 31 -4.75 14.34 8.20
C PRO A 31 -4.89 15.84 8.39
N ARG A 32 -3.85 16.51 8.89
CA ARG A 32 -3.92 17.97 9.00
C ARG A 32 -3.97 18.63 7.63
N LEU A 33 -3.50 17.95 6.59
CA LEU A 33 -3.47 18.50 5.24
C LEU A 33 -4.62 18.01 4.37
N VAL A 34 -5.36 16.99 4.80
CA VAL A 34 -6.37 16.36 3.96
C VAL A 34 -7.68 16.37 4.74
N SER A 35 -8.56 17.31 4.40
CA SER A 35 -9.82 17.45 5.10
C SER A 35 -10.64 16.17 4.97
N GLY A 36 -11.15 15.70 6.10
CA GLY A 36 -12.04 14.55 6.14
C GLY A 36 -11.37 13.19 6.15
N TYR A 37 -10.03 13.14 6.05
CA TYR A 37 -9.36 11.84 5.94
C TYR A 37 -9.52 11.06 7.23
N ARG A 38 -9.27 11.71 8.37
CA ARG A 38 -9.42 11.02 9.63
C ARG A 38 -10.84 10.52 9.84
N ARG A 39 -11.85 11.26 9.36
CA ARG A 39 -13.24 10.84 9.52
C ARG A 39 -13.55 9.60 8.68
N ILE A 40 -13.00 9.52 7.48
CA ILE A 40 -13.44 8.51 6.51
C ILE A 40 -12.60 7.25 6.57
N ILE A 41 -11.30 7.36 6.84
CA ILE A 41 -10.38 6.22 6.74
C ILE A 41 -10.05 5.77 8.15
N LYS A 42 -10.64 4.63 8.55
CA LYS A 42 -10.47 4.10 9.91
C LYS A 42 -9.09 3.50 10.15
N ASN A 43 -8.47 2.91 9.13
CA ASN A 43 -7.21 2.17 9.33
C ASN A 43 -6.22 2.58 8.25
N PRO A 44 -5.55 3.72 8.43
CA PRO A 44 -4.58 4.17 7.43
C PRO A 44 -3.45 3.17 7.25
N MET A 45 -2.87 3.17 6.05
CA MET A 45 -1.74 2.29 5.79
C MET A 45 -1.00 2.87 4.60
N ASP A 46 0.32 2.68 4.59
CA ASP A 46 1.17 3.20 3.53
C ASP A 46 2.44 2.35 3.46
N PHE A 47 3.25 2.59 2.40
CA PHE A 47 4.38 1.71 2.15
C PHE A 47 5.48 1.85 3.21
N SER A 48 5.67 3.05 3.77
CA SER A 48 6.73 3.18 4.76
C SER A 48 6.33 2.49 6.07
N THR A 49 5.04 2.51 6.41
CA THR A 49 4.57 1.74 7.56
C THR A 49 4.79 0.24 7.33
N MET A 50 4.56 -0.23 6.11
CA MET A 50 4.85 -1.63 5.81
C MET A 50 6.35 -1.91 5.88
N ARG A 51 7.17 -1.03 5.31
CA ARG A 51 8.62 -1.17 5.37
C ARG A 51 9.09 -1.25 6.82
N HIS A 52 8.58 -0.35 7.67
CA HIS A 52 9.00 -0.35 9.07
C HIS A 52 8.59 -1.63 9.76
N ARG A 53 7.37 -2.12 9.50
CA ARG A 53 6.91 -3.36 10.12
C ARG A 53 7.71 -4.55 9.59
N LEU A 54 8.07 -4.52 8.31
CA LEU A 54 8.90 -5.60 7.78
C LEU A 54 10.29 -5.57 8.42
N SER A 55 10.83 -4.37 8.66
CA SER A 55 12.19 -4.25 9.18
C SER A 55 12.32 -4.82 10.58
N ARG A 56 11.34 -4.56 11.45
CA ARG A 56 11.42 -5.07 12.81
C ARG A 56 10.92 -6.50 12.94
N GLY A 57 10.61 -7.16 11.83
CA GLY A 57 10.13 -8.53 11.88
C GLY A 57 8.71 -8.67 12.38
N GLY A 58 7.87 -7.65 12.16
CA GLY A 58 6.51 -7.62 12.62
C GLY A 58 5.48 -8.31 11.77
N TYR A 59 5.88 -8.98 10.68
CA TYR A 59 4.96 -9.77 9.88
C TYR A 59 5.23 -11.25 10.15
N THR A 60 4.20 -11.97 10.60
CA THR A 60 4.37 -13.39 10.87
C THR A 60 4.20 -14.24 9.62
N SER A 61 3.44 -13.76 8.64
CA SER A 61 3.21 -14.52 7.42
C SER A 61 3.03 -13.55 6.26
N SER A 62 3.08 -14.09 5.04
CA SER A 62 2.88 -13.26 3.86
C SER A 62 1.44 -12.78 3.75
N GLU A 63 0.48 -13.55 4.29
CA GLU A 63 -0.92 -13.12 4.25
C GLU A 63 -1.11 -11.82 5.01
N GLU A 64 -0.38 -11.64 6.13
CA GLU A 64 -0.48 -10.39 6.86
C GLU A 64 0.09 -9.23 6.04
N PHE A 65 1.19 -9.48 5.33
CA PHE A 65 1.77 -8.45 4.47
C PHE A 65 0.80 -8.05 3.38
N ALA A 66 0.16 -9.03 2.73
CA ALA A 66 -0.78 -8.72 1.66
C ALA A 66 -2.01 -7.99 2.18
N ALA A 67 -2.45 -8.30 3.40
CA ALA A 67 -3.57 -7.57 3.99
C ALA A 67 -3.28 -6.08 4.07
N ASP A 68 -2.07 -5.72 4.52
CA ASP A 68 -1.68 -4.32 4.58
C ASP A 68 -1.61 -3.69 3.20
N ALA A 69 -1.05 -4.41 2.22
CA ALA A 69 -0.98 -3.88 0.87
C ALA A 69 -2.38 -3.58 0.35
N LEU A 70 -3.30 -4.55 0.51
CA LEU A 70 -4.65 -4.35 -0.01
C LEU A 70 -5.35 -3.22 0.73
N LEU A 71 -5.04 -3.03 2.01
CA LEU A 71 -5.61 -1.93 2.77
C LEU A 71 -5.20 -0.58 2.18
N VAL A 72 -3.93 -0.45 1.78
CA VAL A 72 -3.48 0.78 1.10
C VAL A 72 -4.42 1.11 -0.05
N PHE A 73 -4.74 0.11 -0.87
CA PHE A 73 -5.52 0.38 -2.08
C PHE A 73 -7.02 0.45 -1.81
N ASP A 74 -7.52 -0.26 -0.79
CA ASP A 74 -8.90 -0.06 -0.36
C ASP A 74 -9.11 1.36 0.17
N ASN A 75 -8.19 1.85 1.02
CA ASN A 75 -8.29 3.23 1.51
C ASN A 75 -8.25 4.21 0.35
N CYS A 76 -7.36 3.96 -0.63
CA CYS A 76 -7.23 4.84 -1.78
C CYS A 76 -8.55 4.96 -2.53
N GLN A 77 -9.19 3.81 -2.79
CA GLN A 77 -10.46 3.82 -3.52
C GLN A 77 -11.61 4.33 -2.68
N THR A 78 -11.53 4.18 -1.35
CA THR A 78 -12.57 4.75 -0.50
C THR A 78 -12.53 6.27 -0.52
N PHE A 79 -11.34 6.86 -0.51
CA PHE A 79 -11.26 8.30 -0.32
C PHE A 79 -11.13 9.08 -1.61
N ASN A 80 -10.53 8.51 -2.66
CA ASN A 80 -10.24 9.24 -3.88
C ASN A 80 -11.12 8.79 -5.02
N GLU A 81 -11.56 9.74 -5.84
CA GLU A 81 -12.25 9.42 -7.08
C GLU A 81 -11.36 8.57 -7.99
N ASP A 82 -11.97 7.65 -8.72
CA ASP A 82 -11.24 6.81 -9.66
C ASP A 82 -10.52 7.62 -10.73
N ASP A 83 -11.00 8.82 -11.06
CA ASP A 83 -10.34 9.65 -12.06
C ASP A 83 -9.46 10.74 -11.47
N SER A 84 -9.30 10.79 -10.14
CA SER A 84 -8.36 11.72 -9.55
C SER A 84 -6.93 11.23 -9.81
N GLU A 85 -5.97 12.14 -9.61
CA GLU A 85 -4.57 11.77 -9.83
C GLU A 85 -4.13 10.68 -8.86
N VAL A 86 -4.55 10.78 -7.60
CA VAL A 86 -4.20 9.74 -6.63
C VAL A 86 -4.97 8.46 -6.93
N GLY A 87 -6.26 8.58 -7.27
CA GLY A 87 -7.01 7.39 -7.62
C GLY A 87 -6.40 6.65 -8.81
N LYS A 88 -6.01 7.39 -9.85
CA LYS A 88 -5.40 6.74 -11.01
C LYS A 88 -4.10 6.04 -10.63
N ALA A 89 -3.28 6.68 -9.80
CA ALA A 89 -2.04 6.04 -9.37
C ALA A 89 -2.32 4.79 -8.53
N GLY A 90 -3.35 4.86 -7.68
CA GLY A 90 -3.71 3.71 -6.87
C GLY A 90 -4.18 2.52 -7.67
N HIS A 91 -4.88 2.76 -8.78
CA HIS A 91 -5.27 1.65 -9.64
C HIS A 91 -4.07 1.00 -10.29
N ILE A 92 -3.09 1.79 -10.73
CA ILE A 92 -1.87 1.21 -11.29
C ILE A 92 -1.14 0.40 -10.23
N MET A 93 -1.04 0.93 -9.01
CA MET A 93 -0.32 0.23 -7.96
C MET A 93 -1.06 -1.02 -7.52
N ARG A 94 -2.39 -0.94 -7.42
CA ARG A 94 -3.19 -2.09 -7.03
C ARG A 94 -3.04 -3.22 -8.05
N ARG A 95 -3.17 -2.91 -9.34
CA ARG A 95 -3.01 -3.94 -10.36
C ARG A 95 -1.59 -4.51 -10.35
N PHE A 96 -0.58 -3.64 -10.17
CA PHE A 96 0.78 -4.13 -10.06
C PHE A 96 0.90 -5.12 -8.90
N PHE A 97 0.39 -4.76 -7.72
CA PHE A 97 0.55 -5.65 -6.58
C PHE A 97 -0.15 -6.98 -6.83
N GLU A 98 -1.39 -6.94 -7.32
CA GLU A 98 -2.13 -8.17 -7.57
C GLU A 98 -1.41 -9.06 -8.56
N SER A 99 -0.81 -8.49 -9.60
CA SER A 99 -0.17 -9.32 -10.61
C SER A 99 1.14 -9.90 -10.10
N ARG A 100 1.91 -9.13 -9.32
CA ARG A 100 3.15 -9.65 -8.76
C ARG A 100 2.87 -10.69 -7.69
N TRP A 101 1.90 -10.42 -6.82
CA TRP A 101 1.50 -11.40 -5.82
C TRP A 101 1.11 -12.73 -6.47
N GLU A 102 0.40 -12.67 -7.59
CA GLU A 102 -0.08 -13.90 -8.22
C GLU A 102 1.06 -14.70 -8.83
N GLU A 103 2.05 -14.05 -9.42
CA GLU A 103 3.16 -14.81 -9.98
C GLU A 103 4.21 -15.19 -8.96
N PHE A 104 3.91 -15.03 -7.66
CA PHE A 104 4.67 -15.68 -6.61
C PHE A 104 3.91 -16.81 -5.93
N TYR A 105 2.57 -16.73 -5.94
CA TYR A 105 1.71 -17.72 -5.30
C TYR A 105 0.62 -18.21 -6.26
#